data_2RDW
#
_entry.id   2RDW
#
_cell.length_a   143.649
_cell.length_b   143.649
_cell.length_c   110.461
_cell.angle_alpha   90.000
_cell.angle_beta   90.000
_cell.angle_gamma   90.000
#
_symmetry.space_group_name_H-M   'I 4 2 2'
#
loop_
_entity.id
_entity.type
_entity.pdbx_description
1 polymer 'Hydroxyacid oxidase 1'
2 non-polymer 'SULFATE ION'
3 non-polymer 'FLAVIN MONONUCLEOTIDE'
4 water water
#
_entity_poly.entity_id   1
_entity_poly.type   'polypeptide(L)'
_entity_poly.pdbx_seq_one_letter_code
;GSHMASMTGGQQMGRGSMLPRLICINDYEQHAKSVLPKSIYDYYRSGANDEETLADNIAAFSRWKLYPRMLRNVAETDLS
TSVLGQRVSMPICVGATAMQRMAHVDGELATVRACQSLGTGMMLSSWATSSIEEVAEAGPEALRWLQLYIYKDREVTKKL
VRQAEKMGYKAIFVTVDTPYLGNRLDDVRNRFKLPPQLRMKNFETSTLSFSPEENFGDDSGLAAYVAKAIDPSISWEDIK
WLRRLTSLPIVAKGILRGDDAREAVKHGLNGILVSNHGARQLDGVPATIDVLPEIVEAVEGKVEVFLDGGVRKGTDVLKA
LALGAKAVFVGRPIVWGLAFQGEKGVQDVLEILKEEFRLAMALSGCQNVKVIDKTLVRKNPLAVSKI
;
_entity_poly.pdbx_strand_id   A
#
# COMPACT_ATOMS: atom_id res chain seq x y z
N ARG A 21 -12.89 -8.28 22.43
CA ARG A 21 -13.38 -7.29 21.42
C ARG A 21 -12.38 -6.28 20.90
N LEU A 22 -12.11 -6.32 19.60
CA LEU A 22 -11.18 -5.42 18.98
C LEU A 22 -11.99 -4.29 18.37
N ILE A 23 -11.74 -3.06 18.83
CA ILE A 23 -12.59 -1.91 18.49
C ILE A 23 -11.85 -0.79 17.77
N CYS A 24 -10.52 -0.92 17.69
CA CYS A 24 -9.69 0.05 16.98
C CYS A 24 -8.52 -0.68 16.32
N ILE A 25 -7.81 -0.06 15.41
CA ILE A 25 -6.75 -0.77 14.69
C ILE A 25 -5.58 -1.19 15.56
N ASN A 26 -5.20 -0.33 16.52
CA ASN A 26 -4.16 -0.68 17.51
C ASN A 26 -4.41 -2.01 18.19
N ASP A 27 -5.67 -2.29 18.51
CA ASP A 27 -6.09 -3.57 19.13
C ASP A 27 -5.64 -4.79 18.34
N TYR A 28 -5.67 -4.65 17.02
CA TYR A 28 -5.34 -5.72 16.07
C TYR A 28 -3.87 -6.08 16.06
N GLU A 29 -2.98 -5.08 16.11
CA GLU A 29 -1.54 -5.38 16.12
C GLU A 29 -1.14 -6.14 17.37
N GLN A 30 -1.51 -5.54 18.50
CA GLN A 30 -1.47 -6.15 19.84
C GLN A 30 -1.80 -7.66 19.79
N HIS A 31 -2.90 -8.00 19.13
CA HIS A 31 -3.33 -9.38 19.00
C HIS A 31 -2.48 -10.20 18.01
N ALA A 32 -2.09 -9.58 16.90
CA ALA A 32 -1.32 -10.27 15.86
C ALA A 32 0.04 -10.80 16.34
N LYS A 33 0.69 -10.06 17.24
CA LYS A 33 1.96 -10.44 17.87
C LYS A 33 1.77 -11.68 18.75
N SER A 34 0.63 -11.76 19.39
CA SER A 34 0.33 -12.92 20.23
C SER A 34 0.14 -14.20 19.42
N VAL A 35 -0.31 -14.10 18.17
CA VAL A 35 -0.54 -15.34 17.38
C VAL A 35 0.51 -15.71 16.32
N LEU A 36 1.18 -14.72 15.75
CA LEU A 36 2.12 -15.03 14.69
C LEU A 36 3.45 -15.51 15.27
N PRO A 37 4.16 -16.41 14.56
CA PRO A 37 5.57 -16.71 14.93
C PRO A 37 6.42 -15.43 14.79
N LYS A 38 7.44 -15.32 15.62
CA LYS A 38 8.27 -14.10 15.70
C LYS A 38 8.79 -13.67 14.35
N SER A 39 9.34 -14.61 13.57
CA SER A 39 9.92 -14.28 12.27
C SER A 39 8.94 -13.62 11.33
N ILE A 40 7.70 -14.09 11.37
CA ILE A 40 6.68 -13.60 10.50
C ILE A 40 6.19 -12.26 11.06
N TYR A 41 5.89 -12.20 12.35
CA TYR A 41 5.56 -10.93 12.98
C TYR A 41 6.62 -9.84 12.75
N ASP A 42 7.90 -10.18 13.00
CA ASP A 42 8.98 -9.18 12.82
C ASP A 42 9.08 -8.70 11.39
N TYR A 43 8.94 -9.63 10.44
CA TYR A 43 9.01 -9.27 9.04
C TYR A 43 7.97 -8.18 8.70
N TYR A 44 6.73 -8.41 9.12
CA TYR A 44 5.63 -7.49 8.80
C TYR A 44 5.76 -6.16 9.58
N ARG A 45 6.08 -6.29 10.86
CA ARG A 45 6.28 -5.15 11.78
C ARG A 45 7.42 -4.18 11.38
N SER A 46 8.56 -4.76 10.97
CA SER A 46 9.81 -3.99 10.86
C SER A 46 9.83 -2.73 10.02
N GLY A 47 10.65 -1.79 10.47
CA GLY A 47 11.15 -0.70 9.62
C GLY A 47 12.61 -0.98 9.25
N ALA A 48 13.27 -0.08 8.53
CA ALA A 48 14.68 -0.26 8.21
C ALA A 48 15.58 0.27 9.32
N ASN A 49 16.66 -0.44 9.64
CA ASN A 49 17.73 0.04 10.52
C ASN A 49 17.21 0.43 11.89
N ASP A 50 17.41 1.69 12.32
CA ASP A 50 16.96 2.12 13.67
C ASP A 50 15.47 2.45 13.79
N GLU A 51 14.73 2.29 12.67
CA GLU A 51 13.27 2.49 12.62
C GLU A 51 12.76 3.90 12.99
N GLU A 52 13.54 4.93 12.65
CA GLU A 52 13.18 6.33 12.90
C GLU A 52 11.97 6.80 12.08
N THR A 53 11.99 6.48 10.78
CA THR A 53 10.90 6.80 9.92
C THR A 53 9.66 5.98 10.29
N LEU A 54 9.85 4.74 10.73
CA LEU A 54 8.73 3.93 11.18
C LEU A 54 7.91 4.68 12.25
N ALA A 55 8.59 5.22 13.27
CA ALA A 55 7.92 5.87 14.38
C ALA A 55 7.30 7.15 13.89
N ASP A 56 8.06 7.84 13.04
CA ASP A 56 7.64 9.12 12.50
C ASP A 56 6.41 9.10 11.60
N ASN A 57 6.21 7.98 10.90
CA ASN A 57 5.05 7.82 10.01
C ASN A 57 3.78 7.97 10.82
N ILE A 58 3.80 7.42 12.04
CA ILE A 58 2.75 7.59 13.01
C ILE A 58 2.76 8.95 13.74
N ALA A 59 3.88 9.33 14.35
CA ALA A 59 3.95 10.54 15.17
C ALA A 59 3.62 11.76 14.34
N ALA A 60 3.97 11.74 13.06
CA ALA A 60 3.71 12.90 12.17
C ALA A 60 2.22 13.29 12.02
N PHE A 61 1.38 12.29 11.95
CA PHE A 61 -0.07 12.51 11.82
C PHE A 61 -0.62 13.32 12.99
N SER A 62 -0.08 13.09 14.18
CA SER A 62 -0.46 13.81 15.40
C SER A 62 -0.09 15.28 15.41
N ARG A 63 0.97 15.64 14.68
CA ARG A 63 1.42 17.01 14.63
C ARG A 63 0.54 17.90 13.78
N TRP A 64 -0.15 17.32 12.79
CA TRP A 64 -1.12 18.05 11.97
C TRP A 64 -2.40 18.15 12.76
N LYS A 65 -2.83 19.37 13.06
CA LYS A 65 -4.00 19.52 13.93
C LYS A 65 -5.23 19.80 13.05
N LEU A 66 -6.41 19.45 13.56
CA LEU A 66 -7.66 19.61 12.82
C LEU A 66 -8.44 20.84 13.27
N TYR A 67 -9.01 21.56 12.31
CA TYR A 67 -9.78 22.78 12.54
C TYR A 67 -11.18 22.57 11.97
N PRO A 68 -12.05 21.87 12.71
CA PRO A 68 -13.38 21.52 12.21
C PRO A 68 -14.34 22.69 12.06
N ARG A 69 -15.15 22.68 11.00
CA ARG A 69 -16.25 23.63 10.87
CA ARG A 69 -16.25 23.64 10.86
C ARG A 69 -17.50 23.06 11.55
N MET A 70 -18.28 23.93 12.18
CA MET A 70 -19.49 23.51 12.85
C MET A 70 -20.70 23.91 12.02
N LEU A 71 -21.84 23.27 12.33
CA LEU A 71 -23.16 23.65 11.82
C LEU A 71 -23.23 23.61 10.29
N ARG A 72 -22.66 22.55 9.70
CA ARG A 72 -22.59 22.44 8.24
C ARG A 72 -23.64 21.50 7.63
N ASN A 73 -24.46 20.88 8.48
CA ASN A 73 -25.38 19.79 8.06
C ASN A 73 -24.64 18.57 7.50
N VAL A 74 -24.41 17.59 8.38
CA VAL A 74 -23.67 16.36 8.05
C VAL A 74 -24.53 15.10 8.25
N ALA A 75 -25.84 15.20 8.00
CA ALA A 75 -26.79 14.11 8.27
C ALA A 75 -26.57 12.85 7.44
N GLU A 76 -26.06 12.97 6.23
CA GLU A 76 -25.94 11.74 5.43
C GLU A 76 -24.55 11.55 4.84
N THR A 77 -23.53 11.75 5.67
CA THR A 77 -22.13 11.66 5.26
C THR A 77 -21.89 10.58 4.20
N ASP A 78 -21.45 11.00 3.03
CA ASP A 78 -21.21 10.13 1.88
C ASP A 78 -19.71 9.95 1.73
N LEU A 79 -19.21 8.74 1.89
CA LEU A 79 -17.77 8.49 1.86
C LEU A 79 -17.27 8.18 0.46
N SER A 80 -18.20 8.07 -0.49
CA SER A 80 -17.85 7.60 -1.84
C SER A 80 -16.97 8.58 -2.62
N THR A 81 -16.06 7.99 -3.39
CA THR A 81 -15.12 8.75 -4.20
C THR A 81 -14.66 7.90 -5.41
N SER A 82 -13.57 8.27 -6.05
CA SER A 82 -13.03 7.52 -7.18
C SER A 82 -11.50 7.49 -7.14
N VAL A 83 -10.93 6.39 -7.61
CA VAL A 83 -9.48 6.27 -7.74
C VAL A 83 -9.19 5.98 -9.21
N LEU A 84 -8.53 6.94 -9.87
CA LEU A 84 -8.10 6.78 -11.27
C LEU A 84 -9.29 6.50 -12.21
N GLY A 85 -10.39 7.19 -11.95
CA GLY A 85 -11.62 7.05 -12.72
C GLY A 85 -12.56 5.89 -12.36
N GLN A 86 -12.16 5.05 -11.39
CA GLN A 86 -12.98 3.91 -10.91
C GLN A 86 -13.63 4.25 -9.56
N ARG A 87 -14.91 3.93 -9.38
CA ARG A 87 -15.59 4.31 -8.13
C ARG A 87 -15.20 3.41 -6.96
N VAL A 88 -15.05 4.02 -5.79
CA VAL A 88 -14.80 3.26 -4.54
C VAL A 88 -15.79 3.70 -3.46
N SER A 89 -16.03 2.84 -2.47
CA SER A 89 -17.00 3.17 -1.42
C SER A 89 -16.43 4.18 -0.43
N MET A 90 -15.10 4.33 -0.42
CA MET A 90 -14.41 5.22 0.53
C MET A 90 -12.98 5.44 0.08
N PRO A 91 -12.35 6.58 0.48
CA PRO A 91 -10.99 6.87 -0.01
C PRO A 91 -9.96 6.12 0.78
N ILE A 92 -10.27 4.85 1.07
CA ILE A 92 -9.41 4.02 1.91
C ILE A 92 -9.29 2.68 1.19
N CYS A 93 -8.07 2.33 0.77
CA CYS A 93 -7.88 1.17 -0.12
C CYS A 93 -6.78 0.28 0.43
N VAL A 94 -6.66 -0.95 -0.07
CA VAL A 94 -5.67 -1.90 0.46
C VAL A 94 -4.35 -1.81 -0.32
N GLY A 95 -3.27 -1.51 0.40
CA GLY A 95 -1.91 -1.49 -0.17
C GLY A 95 -1.28 -2.87 -0.30
N ALA A 96 -0.20 -2.95 -1.07
CA ALA A 96 0.36 -4.20 -1.58
C ALA A 96 1.22 -5.05 -0.64
N THR A 97 0.76 -5.34 0.55
CA THR A 97 1.55 -6.18 1.48
C THR A 97 1.98 -7.58 0.92
N ALA A 98 3.28 -7.82 0.80
CA ALA A 98 3.80 -9.11 0.27
C ALA A 98 3.42 -10.30 1.15
N MET A 99 3.24 -11.44 0.50
CA MET A 99 3.26 -12.75 1.18
C MET A 99 2.28 -12.94 2.35
N GLN A 100 1.02 -12.58 2.08
CA GLN A 100 -0.08 -12.57 3.04
C GLN A 100 -0.43 -13.93 3.60
N ARG A 101 -0.14 -14.99 2.87
CA ARG A 101 -0.40 -16.35 3.37
C ARG A 101 0.45 -16.77 4.58
N MET A 102 1.47 -15.96 4.90
CA MET A 102 2.18 -16.14 6.17
C MET A 102 1.34 -15.72 7.39
N ALA A 103 0.34 -14.86 7.18
CA ALA A 103 -0.50 -14.36 8.28
C ALA A 103 -1.77 -15.18 8.43
N HIS A 104 -2.30 -15.64 7.29
CA HIS A 104 -3.48 -16.45 7.26
C HIS A 104 -3.40 -17.40 6.08
N VAL A 105 -3.82 -18.64 6.30
CA VAL A 105 -3.91 -19.65 5.25
C VAL A 105 -4.54 -19.12 3.95
N ASP A 106 -5.62 -18.34 4.08
CA ASP A 106 -6.32 -17.78 2.92
C ASP A 106 -5.61 -16.57 2.28
N GLY A 107 -4.65 -15.97 3.00
CA GLY A 107 -3.81 -14.88 2.44
C GLY A 107 -4.53 -13.85 1.61
N GLU A 108 -3.99 -13.58 0.40
CA GLU A 108 -4.54 -12.60 -0.56
C GLU A 108 -5.99 -12.84 -0.97
N LEU A 109 -6.46 -14.08 -0.88
CA LEU A 109 -7.83 -14.37 -1.31
C LEU A 109 -8.87 -13.91 -0.30
N ALA A 110 -8.57 -14.06 0.98
CA ALA A 110 -9.37 -13.45 2.04
C ALA A 110 -9.42 -11.92 1.86
N THR A 111 -8.29 -11.33 1.48
CA THR A 111 -8.16 -9.88 1.35
C THR A 111 -9.06 -9.38 0.23
N VAL A 112 -9.01 -10.01 -0.94
CA VAL A 112 -9.77 -9.52 -2.08
C VAL A 112 -11.27 -9.64 -1.83
N ARG A 113 -11.67 -10.70 -1.13
CA ARG A 113 -13.08 -10.93 -0.80
C ARG A 113 -13.63 -9.86 0.16
N ALA A 114 -12.85 -9.53 1.20
CA ALA A 114 -13.12 -8.35 2.05
C ALA A 114 -13.23 -7.04 1.25
N CYS A 115 -12.28 -6.80 0.35
CA CYS A 115 -12.36 -5.64 -0.54
C CYS A 115 -13.65 -5.65 -1.40
N GLN A 116 -14.00 -6.82 -1.94
CA GLN A 116 -15.24 -6.98 -2.70
C GLN A 116 -16.46 -6.62 -1.83
N SER A 117 -16.51 -7.12 -0.60
CA SER A 117 -17.59 -6.76 0.33
C SER A 117 -17.65 -5.26 0.63
N LEU A 118 -16.49 -4.63 0.88
CA LEU A 118 -16.41 -3.20 1.22
C LEU A 118 -16.72 -2.25 0.06
N GLY A 119 -16.48 -2.68 -1.19
CA GLY A 119 -16.60 -1.79 -2.36
C GLY A 119 -15.36 -0.92 -2.57
N THR A 120 -14.23 -1.37 -2.02
CA THR A 120 -12.98 -0.64 -2.19
C THR A 120 -11.98 -1.53 -2.92
N GLY A 121 -10.85 -0.93 -3.27
CA GLY A 121 -9.86 -1.58 -4.12
C GLY A 121 -8.72 -2.23 -3.41
N MET A 122 -8.14 -3.24 -4.06
CA MET A 122 -7.00 -3.94 -3.53
C MET A 122 -5.82 -3.88 -4.50
N MET A 123 -4.67 -3.39 -4.01
CA MET A 123 -3.42 -3.45 -4.76
C MET A 123 -2.75 -4.76 -4.40
N LEU A 124 -2.47 -5.55 -5.44
CA LEU A 124 -1.85 -6.86 -5.28
C LEU A 124 -0.35 -6.77 -5.45
N SER A 125 0.38 -7.30 -4.48
CA SER A 125 1.85 -7.37 -4.54
C SER A 125 2.38 -8.25 -5.68
N SER A 126 3.44 -7.82 -6.35
CA SER A 126 4.19 -8.70 -7.23
C SER A 126 4.69 -9.92 -6.44
N TRP A 127 4.90 -9.74 -5.13
CA TRP A 127 5.46 -10.82 -4.32
C TRP A 127 4.36 -11.52 -3.50
N ALA A 128 3.16 -11.58 -4.07
CA ALA A 128 2.02 -12.21 -3.44
C ALA A 128 2.22 -13.72 -3.36
N THR A 129 1.65 -14.32 -2.32
CA THR A 129 1.65 -15.77 -2.18
C THR A 129 0.41 -16.33 -2.90
N SER A 130 -0.27 -15.49 -3.68
CA SER A 130 -1.37 -15.96 -4.54
C SER A 130 -1.17 -15.29 -5.89
N SER A 131 -1.50 -15.99 -6.97
CA SER A 131 -1.24 -15.48 -8.31
CA SER A 131 -1.27 -15.51 -8.33
C SER A 131 -2.20 -14.35 -8.71
N ILE A 132 -1.79 -13.57 -9.70
CA ILE A 132 -2.65 -12.55 -10.29
C ILE A 132 -3.99 -13.19 -10.70
N GLU A 133 -3.91 -14.36 -11.32
CA GLU A 133 -5.10 -15.09 -11.77
C GLU A 133 -5.97 -15.58 -10.61
N GLU A 134 -5.37 -16.25 -9.63
CA GLU A 134 -6.05 -16.67 -8.41
C GLU A 134 -6.88 -15.57 -7.75
N VAL A 135 -6.27 -14.39 -7.64
CA VAL A 135 -6.89 -13.24 -6.97
C VAL A 135 -8.11 -12.71 -7.75
N ALA A 136 -7.97 -12.61 -9.07
CA ALA A 136 -9.08 -12.21 -9.93
C ALA A 136 -10.24 -13.18 -9.81
N GLU A 137 -9.91 -14.47 -9.68
CA GLU A 137 -10.93 -15.52 -9.56
C GLU A 137 -11.66 -15.43 -8.23
N ALA A 138 -10.93 -15.13 -7.15
CA ALA A 138 -11.56 -15.00 -5.84
C ALA A 138 -12.31 -13.67 -5.65
N GLY A 139 -11.91 -12.62 -6.37
CA GLY A 139 -12.63 -11.36 -6.33
C GLY A 139 -12.92 -10.78 -7.71
N PRO A 140 -13.76 -11.48 -8.51
CA PRO A 140 -13.95 -11.09 -9.90
C PRO A 140 -14.50 -9.68 -10.05
N GLU A 141 -15.36 -9.27 -9.13
CA GLU A 141 -16.00 -7.97 -9.23
C GLU A 141 -15.30 -6.90 -8.38
N ALA A 142 -14.28 -7.29 -7.62
CA ALA A 142 -13.49 -6.36 -6.84
C ALA A 142 -12.58 -5.52 -7.73
N LEU A 143 -12.44 -4.24 -7.39
CA LEU A 143 -11.47 -3.33 -8.01
C LEU A 143 -10.08 -3.79 -7.59
N ARG A 144 -9.22 -4.07 -8.56
CA ARG A 144 -7.90 -4.67 -8.30
C ARG A 144 -6.88 -3.96 -9.17
N TRP A 145 -5.69 -3.70 -8.61
CA TRP A 145 -4.59 -3.09 -9.34
C TRP A 145 -3.36 -3.93 -9.05
N LEU A 146 -2.33 -3.80 -9.87
CA LEU A 146 -1.11 -4.58 -9.64
C LEU A 146 0.02 -3.67 -9.21
N GLN A 147 0.67 -4.02 -8.09
CA GLN A 147 1.91 -3.37 -7.71
C GLN A 147 3.02 -4.09 -8.45
N LEU A 148 3.79 -3.33 -9.25
CA LEU A 148 4.83 -3.92 -10.10
C LEU A 148 6.23 -3.62 -9.62
N TYR A 149 7.06 -4.66 -9.59
CA TYR A 149 8.52 -4.49 -9.46
C TYR A 149 9.12 -4.68 -10.84
N ILE A 150 10.16 -3.90 -11.14
CA ILE A 150 10.90 -4.09 -12.38
C ILE A 150 12.04 -5.13 -12.21
N TYR A 151 11.88 -6.25 -12.90
CA TYR A 151 12.81 -7.37 -12.77
C TYR A 151 13.96 -7.20 -13.74
N LYS A 152 15.13 -7.75 -13.39
CA LYS A 152 16.26 -7.81 -14.31
C LYS A 152 15.79 -8.40 -15.64
N ASP A 153 15.03 -9.48 -15.56
CA ASP A 153 14.44 -10.08 -16.74
C ASP A 153 13.18 -9.27 -17.14
N ARG A 154 13.27 -8.55 -18.25
CA ARG A 154 12.15 -7.72 -18.69
C ARG A 154 10.96 -8.55 -19.17
N GLU A 155 11.22 -9.78 -19.60
CA GLU A 155 10.16 -10.70 -20.02
CA GLU A 155 10.13 -10.66 -20.03
C GLU A 155 9.26 -11.07 -18.84
N VAL A 156 9.88 -11.24 -17.68
CA VAL A 156 9.15 -11.46 -16.42
C VAL A 156 8.25 -10.26 -16.05
N THR A 157 8.82 -9.05 -16.11
CA THR A 157 8.07 -7.82 -15.90
C THR A 157 6.90 -7.68 -16.88
N LYS A 158 7.18 -7.90 -18.17
CA LYS A 158 6.18 -7.82 -19.22
C LYS A 158 5.02 -8.78 -18.92
N LYS A 159 5.39 -10.02 -18.56
CA LYS A 159 4.43 -11.07 -18.22
C LYS A 159 3.45 -10.68 -17.09
N LEU A 160 3.97 -10.04 -16.04
CA LEU A 160 3.15 -9.57 -14.95
C LEU A 160 2.15 -8.52 -15.43
N VAL A 161 2.64 -7.56 -16.23
CA VAL A 161 1.77 -6.51 -16.78
C VAL A 161 0.67 -7.10 -17.69
N ARG A 162 1.06 -8.01 -18.57
CA ARG A 162 0.12 -8.65 -19.48
C ARG A 162 -0.94 -9.49 -18.75
N GLN A 163 -0.51 -10.25 -17.75
CA GLN A 163 -1.41 -11.02 -16.89
C GLN A 163 -2.40 -10.12 -16.10
N ALA A 164 -1.94 -8.94 -15.69
CA ALA A 164 -2.83 -8.01 -14.99
C ALA A 164 -3.90 -7.43 -15.92
N GLU A 165 -3.49 -7.04 -17.12
CA GLU A 165 -4.41 -6.63 -18.18
C GLU A 165 -5.43 -7.71 -18.54
N LYS A 166 -4.95 -8.93 -18.78
CA LYS A 166 -5.81 -10.06 -19.11
C LYS A 166 -6.86 -10.30 -18.02
N MET A 167 -6.46 -10.11 -16.76
CA MET A 167 -7.29 -10.49 -15.61
C MET A 167 -8.17 -9.37 -15.01
N GLY A 168 -8.26 -8.24 -15.70
CA GLY A 168 -9.18 -7.17 -15.32
C GLY A 168 -8.66 -6.26 -14.21
N TYR A 169 -7.33 -6.19 -14.07
CA TYR A 169 -6.68 -5.25 -13.15
C TYR A 169 -6.70 -3.88 -13.80
N LYS A 170 -6.92 -2.84 -13.01
CA LYS A 170 -7.29 -1.56 -13.61
C LYS A 170 -6.19 -0.51 -13.59
N ALA A 171 -5.06 -0.83 -12.99
CA ALA A 171 -3.86 0.03 -13.04
C ALA A 171 -2.61 -0.71 -12.60
N ILE A 172 -1.46 -0.10 -12.93
CA ILE A 172 -0.15 -0.56 -12.48
C ILE A 172 0.43 0.49 -11.50
N PHE A 173 0.78 0.04 -10.30
CA PHE A 173 1.50 0.88 -9.35
C PHE A 173 2.97 0.41 -9.39
N VAL A 174 3.84 1.12 -10.09
CA VAL A 174 5.23 0.72 -10.16
C VAL A 174 5.95 1.24 -8.93
N THR A 175 6.62 0.35 -8.22
CA THR A 175 7.48 0.74 -7.09
C THR A 175 8.82 1.24 -7.63
N VAL A 176 9.21 2.45 -7.22
CA VAL A 176 10.42 3.10 -7.74
C VAL A 176 11.51 3.35 -6.66
N ASP A 177 11.29 2.84 -5.44
CA ASP A 177 12.18 3.10 -4.31
C ASP A 177 12.96 1.89 -3.77
N THR A 178 12.98 0.80 -4.54
CA THR A 178 13.60 -0.46 -4.13
C THR A 178 14.60 -0.98 -5.20
N PRO A 179 15.64 -0.18 -5.55
CA PRO A 179 16.67 -0.75 -6.42
C PRO A 179 17.37 -1.93 -5.72
N TYR A 180 17.44 -1.86 -4.38
CA TYR A 180 17.89 -2.93 -3.45
C TYR A 180 16.91 -2.90 -2.29
N LEU A 181 16.80 -3.98 -1.54
CA LEU A 181 15.98 -3.98 -0.32
C LEU A 181 16.62 -3.25 0.85
N GLY A 182 15.81 -2.50 1.61
CA GLY A 182 16.27 -1.85 2.84
C GLY A 182 16.81 -2.92 3.77
N ASN A 183 17.56 -2.50 4.78
CA ASN A 183 18.13 -3.40 5.78
C ASN A 183 17.23 -3.42 7.00
N ARG A 184 16.37 -4.45 7.12
CA ARG A 184 15.50 -4.58 8.29
C ARG A 184 16.23 -5.55 9.21
N LEU A 185 16.62 -5.07 10.38
CA LEU A 185 17.55 -5.79 11.23
C LEU A 185 16.99 -7.13 11.72
N ASP A 186 15.72 -7.15 12.10
CA ASP A 186 15.16 -8.42 12.59
C ASP A 186 15.17 -9.54 11.53
N ASP A 187 14.87 -9.19 10.27
CA ASP A 187 14.89 -10.16 9.17
C ASP A 187 16.24 -10.80 8.99
N VAL A 188 17.31 -10.05 9.21
CA VAL A 188 18.65 -10.63 9.16
C VAL A 188 18.97 -11.48 10.39
N ARG A 189 18.58 -11.05 11.58
CA ARG A 189 18.79 -11.87 12.79
C ARG A 189 17.96 -13.17 12.70
N ASN A 190 16.76 -13.06 12.13
CA ASN A 190 15.84 -14.20 12.03
C ASN A 190 16.12 -15.09 10.82
N ARG A 191 17.01 -14.65 9.92
CA ARG A 191 17.26 -15.31 8.63
C ARG A 191 15.93 -15.49 7.86
N PHE A 192 15.16 -14.40 7.78
CA PHE A 192 13.82 -14.43 7.19
C PHE A 192 13.76 -15.09 5.80
N LYS A 193 12.68 -15.85 5.59
CA LYS A 193 12.35 -16.56 4.36
C LYS A 193 10.96 -17.20 4.53
N LEU A 194 10.36 -17.55 3.40
CA LEU A 194 9.00 -18.09 3.38
C LEU A 194 8.93 -19.47 4.11
N PRO A 195 7.84 -19.79 4.87
CA PRO A 195 7.63 -21.19 5.37
C PRO A 195 7.61 -22.22 4.24
N PRO A 196 8.04 -23.49 4.51
CA PRO A 196 8.26 -24.47 3.41
C PRO A 196 7.12 -24.61 2.36
N GLN A 197 5.87 -24.41 2.76
CA GLN A 197 4.72 -24.66 1.88
C GLN A 197 4.32 -23.49 0.94
N LEU A 198 5.03 -22.37 1.03
CA LEU A 198 4.60 -21.12 0.36
C LEU A 198 5.62 -20.63 -0.64
N ARG A 199 5.14 -19.92 -1.66
CA ARG A 199 6.01 -19.33 -2.69
C ARG A 199 5.44 -18.02 -3.15
N MET A 200 6.26 -17.24 -3.85
CA MET A 200 5.74 -16.12 -4.62
C MET A 200 5.07 -16.64 -5.87
N LYS A 201 3.75 -16.79 -5.79
CA LYS A 201 2.98 -17.53 -6.80
C LYS A 201 2.98 -16.94 -8.21
N ASN A 202 3.43 -15.71 -8.39
CA ASN A 202 3.47 -15.13 -9.75
C ASN A 202 4.63 -15.62 -10.59
N PHE A 203 5.47 -16.48 -10.02
CA PHE A 203 6.67 -16.94 -10.75
C PHE A 203 6.81 -18.46 -10.78
N GLU A 204 7.51 -18.96 -11.79
CA GLU A 204 7.60 -20.38 -11.97
C GLU A 204 8.96 -21.00 -11.58
N THR A 205 10.03 -20.22 -11.69
CA THR A 205 11.33 -20.78 -11.31
C THR A 205 11.49 -20.76 -9.79
N SER A 206 12.37 -21.64 -9.29
CA SER A 206 12.76 -21.65 -7.88
C SER A 206 13.23 -20.28 -7.41
N THR A 207 14.16 -19.69 -8.17
CA THR A 207 14.72 -18.38 -7.82
C THR A 207 13.62 -17.34 -7.70
N LEU A 208 12.88 -17.15 -8.79
CA LEU A 208 11.89 -16.06 -8.84
C LEU A 208 10.65 -16.28 -7.98
N SER A 209 10.37 -17.54 -7.64
CA SER A 209 9.27 -17.83 -6.71
C SER A 209 9.64 -17.75 -5.20
N PHE A 210 10.90 -17.37 -4.91
CA PHE A 210 11.41 -17.20 -3.52
C PHE A 210 11.28 -18.52 -2.77
N SER A 211 11.66 -19.60 -3.45
CA SER A 211 11.63 -20.93 -2.84
C SER A 211 12.46 -20.97 -1.54
N PRO A 212 11.80 -21.29 -0.40
CA PRO A 212 12.49 -21.51 0.88
C PRO A 212 13.44 -22.71 0.87
N GLU A 213 13.50 -23.44 -0.25
CA GLU A 213 14.42 -24.58 -0.39
C GLU A 213 15.90 -24.17 -0.41
N GLU A 214 16.15 -22.94 -0.84
CA GLU A 214 17.49 -22.34 -0.81
C GLU A 214 17.98 -22.03 0.60
N ASN A 215 19.28 -22.23 0.82
CA ASN A 215 19.97 -21.74 2.01
C ASN A 215 20.55 -20.35 1.75
N PHE A 216 19.92 -19.31 2.33
CA PHE A 216 20.29 -17.89 2.07
C PHE A 216 21.45 -17.33 2.91
N GLY A 217 21.99 -18.13 3.82
CA GLY A 217 23.19 -17.76 4.57
C GLY A 217 22.89 -17.05 5.86
N ASP A 218 23.72 -16.05 6.17
CA ASP A 218 23.62 -15.24 7.40
C ASP A 218 22.98 -13.87 7.15
N ASP A 219 21.92 -13.83 6.35
CA ASP A 219 21.20 -12.58 6.13
C ASP A 219 19.73 -12.82 5.80
N SER A 220 19.02 -11.74 5.51
CA SER A 220 17.62 -11.82 5.13
C SER A 220 17.48 -12.57 3.81
N GLY A 221 16.57 -13.54 3.74
CA GLY A 221 16.34 -14.24 2.48
C GLY A 221 15.79 -13.31 1.43
N LEU A 222 15.02 -12.28 1.87
CA LEU A 222 14.37 -11.32 0.96
C LEU A 222 15.37 -10.34 0.37
N ALA A 223 16.36 -9.92 1.16
CA ALA A 223 17.43 -9.05 0.66
C ALA A 223 18.20 -9.74 -0.48
N ALA A 224 18.52 -11.02 -0.29
CA ALA A 224 19.14 -11.84 -1.34
C ALA A 224 18.24 -12.01 -2.57
N TYR A 225 16.97 -12.36 -2.34
CA TYR A 225 16.00 -12.46 -3.42
C TYR A 225 16.04 -11.25 -4.34
N VAL A 226 15.96 -10.05 -3.74
CA VAL A 226 15.91 -8.80 -4.47
C VAL A 226 17.24 -8.53 -5.19
N ALA A 227 18.35 -8.75 -4.48
CA ALA A 227 19.68 -8.51 -5.05
C ALA A 227 19.88 -9.35 -6.33
N LYS A 228 19.35 -10.56 -6.34
CA LYS A 228 19.49 -11.48 -7.46
C LYS A 228 18.50 -11.17 -8.59
N ALA A 229 17.28 -10.76 -8.25
CA ALA A 229 16.19 -10.76 -9.24
C ALA A 229 15.78 -9.38 -9.75
N ILE A 230 15.93 -8.39 -8.87
CA ILE A 230 15.36 -7.04 -9.09
C ILE A 230 16.50 -6.15 -9.60
N ASP A 231 16.18 -5.29 -10.58
CA ASP A 231 17.20 -4.56 -11.33
C ASP A 231 17.53 -3.24 -10.61
N PRO A 232 18.75 -3.15 -10.01
CA PRO A 232 19.17 -1.89 -9.37
C PRO A 232 19.46 -0.76 -10.36
N SER A 233 19.51 -1.07 -11.66
CA SER A 233 19.80 -0.03 -12.65
C SER A 233 18.55 0.75 -13.07
N ILE A 234 17.43 0.44 -12.43
CA ILE A 234 16.14 1.03 -12.81
C ILE A 234 16.27 2.56 -13.00
N SER A 235 15.79 3.07 -14.12
CA SER A 235 15.89 4.52 -14.36
C SER A 235 14.62 5.06 -15.04
N TRP A 236 14.63 6.35 -15.41
CA TRP A 236 13.48 6.92 -16.13
C TRP A 236 13.31 6.30 -17.51
N GLU A 237 14.38 5.73 -18.05
CA GLU A 237 14.30 4.99 -19.32
C GLU A 237 13.34 3.80 -19.22
N ASP A 238 13.36 3.12 -18.09
CA ASP A 238 12.50 1.99 -17.83
C ASP A 238 11.04 2.42 -17.65
N ILE A 239 10.86 3.63 -17.14
CA ILE A 239 9.55 4.23 -17.00
C ILE A 239 8.96 4.51 -18.39
N LYS A 240 9.79 5.02 -19.29
CA LYS A 240 9.40 5.24 -20.67
C LYS A 240 8.96 3.95 -21.35
N TRP A 241 9.75 2.90 -21.14
CA TRP A 241 9.42 1.56 -21.63
C TRP A 241 8.07 1.10 -21.13
N LEU A 242 7.86 1.20 -19.82
CA LEU A 242 6.62 0.73 -19.17
C LEU A 242 5.40 1.49 -19.67
N ARG A 243 5.56 2.81 -19.85
CA ARG A 243 4.48 3.67 -20.36
C ARG A 243 4.06 3.29 -21.80
N ARG A 244 5.03 2.94 -22.67
CA ARG A 244 4.75 2.44 -24.04
C ARG A 244 4.14 1.02 -24.07
N LEU A 245 4.42 0.26 -23.00
CA LEU A 245 4.10 -1.16 -22.86
C LEU A 245 2.64 -1.43 -22.53
N THR A 246 2.02 -0.53 -21.76
CA THR A 246 0.63 -0.69 -21.31
C THR A 246 -0.19 0.61 -21.42
N SER A 247 -1.48 0.48 -21.74
CA SER A 247 -2.35 1.65 -21.79
C SER A 247 -3.09 1.82 -20.48
N LEU A 248 -2.84 0.91 -19.54
CA LEU A 248 -3.36 1.01 -18.17
C LEU A 248 -2.84 2.29 -17.50
N PRO A 249 -3.63 2.88 -16.59
CA PRO A 249 -3.04 3.94 -15.78
C PRO A 249 -1.82 3.41 -15.03
N ILE A 250 -0.77 4.21 -14.98
CA ILE A 250 0.44 3.92 -14.22
C ILE A 250 0.65 4.97 -13.11
N VAL A 251 0.90 4.48 -11.89
CA VAL A 251 1.16 5.32 -10.73
C VAL A 251 2.57 5.03 -10.23
N ALA A 252 3.34 6.09 -9.97
CA ALA A 252 4.69 5.98 -9.40
C ALA A 252 4.59 5.94 -7.88
N LYS A 253 4.99 4.79 -7.32
CA LYS A 253 4.96 4.52 -5.91
C LYS A 253 6.35 4.56 -5.26
N GLY A 254 6.51 5.41 -4.24
CA GLY A 254 7.80 5.58 -3.60
C GLY A 254 8.40 6.95 -3.78
N ILE A 255 7.68 7.87 -4.43
CA ILE A 255 8.23 9.21 -4.69
C ILE A 255 8.16 10.05 -3.41
N LEU A 256 9.23 10.77 -3.10
CA LEU A 256 9.27 11.57 -1.88
C LEU A 256 9.69 13.00 -2.17
N ARG A 257 10.00 13.32 -3.44
CA ARG A 257 10.55 14.64 -3.80
C ARG A 257 9.68 15.30 -4.86
N GLY A 258 9.57 16.63 -4.79
CA GLY A 258 8.78 17.33 -5.76
C GLY A 258 9.37 17.27 -7.15
N ASP A 259 10.70 17.32 -7.28
CA ASP A 259 11.31 17.30 -8.61
C ASP A 259 11.12 15.91 -9.31
N ASP A 260 11.18 14.82 -8.55
CA ASP A 260 10.80 13.49 -9.08
C ASP A 260 9.33 13.35 -9.48
N ALA A 261 8.43 13.90 -8.67
CA ALA A 261 6.98 13.97 -9.01
C ALA A 261 6.74 14.70 -10.33
N ARG A 262 7.42 15.82 -10.49
CA ARG A 262 7.39 16.53 -11.78
C ARG A 262 7.80 15.67 -12.95
N GLU A 263 8.88 14.91 -12.77
CA GLU A 263 9.43 13.99 -13.77
C GLU A 263 8.43 12.89 -14.13
N ALA A 264 7.82 12.27 -13.12
CA ALA A 264 6.74 11.30 -13.34
C ALA A 264 5.63 11.87 -14.27
N VAL A 265 5.15 13.07 -13.96
CA VAL A 265 4.05 13.67 -14.71
C VAL A 265 4.52 13.80 -16.14
N LYS A 266 5.77 14.27 -16.30
CA LYS A 266 6.35 14.49 -17.64
C LYS A 266 6.48 13.21 -18.47
N HIS A 267 6.70 12.10 -17.79
CA HIS A 267 6.78 10.79 -18.46
C HIS A 267 5.40 10.18 -18.80
N GLY A 268 4.36 10.97 -18.57
CA GLY A 268 3.02 10.55 -18.94
C GLY A 268 2.37 9.61 -17.98
N LEU A 269 2.79 9.65 -16.71
CA LEU A 269 2.20 8.79 -15.68
CA LEU A 269 2.21 8.80 -15.69
C LEU A 269 0.92 9.42 -15.18
N ASN A 270 0.07 8.59 -14.54
CA ASN A 270 -1.30 9.00 -14.20
C ASN A 270 -1.58 9.21 -12.72
N GLY A 271 -0.55 9.04 -11.89
CA GLY A 271 -0.67 9.29 -10.46
C GLY A 271 0.65 9.15 -9.74
N ILE A 272 0.70 9.67 -8.49
CA ILE A 272 1.84 9.47 -7.58
C ILE A 272 1.32 8.94 -6.27
N LEU A 273 1.91 7.82 -5.83
CA LEU A 273 1.69 7.31 -4.49
C LEU A 273 2.89 7.68 -3.59
N VAL A 274 2.68 8.72 -2.78
CA VAL A 274 3.62 9.19 -1.74
C VAL A 274 3.77 8.08 -0.72
N SER A 275 4.98 7.54 -0.66
CA SER A 275 5.24 6.35 0.14
C SER A 275 6.72 6.35 0.46
N ASN A 276 7.06 5.92 1.69
CA ASN A 276 8.43 5.62 2.06
C ASN A 276 8.52 4.08 2.32
N HIS A 277 7.62 3.36 1.65
CA HIS A 277 7.61 1.93 1.56
C HIS A 277 7.40 1.41 2.97
N GLY A 278 6.47 2.02 3.73
CA GLY A 278 6.23 1.62 5.13
C GLY A 278 7.45 1.73 6.04
N ALA A 279 8.31 2.69 5.75
CA ALA A 279 9.52 2.94 6.54
C ALA A 279 10.56 1.81 6.48
N ARG A 280 10.51 1.02 5.40
CA ARG A 280 11.31 -0.22 5.26
C ARG A 280 12.48 -0.17 4.29
N GLN A 281 12.63 0.98 3.64
CA GLN A 281 13.70 1.19 2.68
C GLN A 281 14.83 2.09 3.22
N LEU A 282 14.85 3.36 2.85
CA LEU A 282 15.81 4.32 3.40
C LEU A 282 15.27 4.88 4.73
N ASP A 283 15.95 4.62 5.84
CA ASP A 283 15.51 5.19 7.11
C ASP A 283 15.96 6.64 7.24
N GLY A 284 15.13 7.47 7.84
CA GLY A 284 15.52 8.85 8.06
C GLY A 284 14.96 9.73 6.99
N VAL A 285 14.14 9.16 6.11
CA VAL A 285 13.33 9.99 5.21
C VAL A 285 12.14 10.59 6.04
N PRO A 286 11.50 11.69 5.56
CA PRO A 286 10.34 12.16 6.31
C PRO A 286 9.13 11.22 6.31
N ALA A 287 8.21 11.46 7.26
CA ALA A 287 6.87 10.86 7.21
C ALA A 287 6.17 11.24 5.93
N THR A 288 5.35 10.32 5.40
CA THR A 288 4.61 10.55 4.17
C THR A 288 3.63 11.73 4.28
N ILE A 289 2.99 11.87 5.44
CA ILE A 289 2.03 12.98 5.64
C ILE A 289 2.77 14.30 5.60
N ASP A 290 4.05 14.30 5.97
CA ASP A 290 4.88 15.52 5.91
C ASP A 290 5.33 15.91 4.50
N VAL A 291 5.63 14.92 3.64
CA VAL A 291 6.04 15.23 2.25
C VAL A 291 4.85 15.41 1.30
N LEU A 292 3.69 14.88 1.68
CA LEU A 292 2.49 14.94 0.85
C LEU A 292 2.20 16.33 0.26
N PRO A 293 2.17 17.39 1.09
CA PRO A 293 1.89 18.71 0.53
C PRO A 293 2.86 19.20 -0.57
N GLU A 294 4.16 18.88 -0.45
CA GLU A 294 5.18 19.27 -1.44
C GLU A 294 4.91 18.53 -2.75
N ILE A 295 4.50 17.27 -2.66
CA ILE A 295 4.15 16.47 -3.87
C ILE A 295 2.86 16.99 -4.53
N VAL A 296 1.81 17.22 -3.72
CA VAL A 296 0.56 17.78 -4.24
C VAL A 296 0.85 19.09 -4.95
N GLU A 297 1.69 19.93 -4.35
CA GLU A 297 2.09 21.18 -4.98
C GLU A 297 2.89 20.98 -6.28
N ALA A 298 3.85 20.06 -6.27
CA ALA A 298 4.71 19.81 -7.45
C ALA A 298 3.91 19.32 -8.66
N VAL A 299 2.79 18.68 -8.39
CA VAL A 299 2.01 18.02 -9.43
C VAL A 299 0.99 18.96 -10.07
N GLU A 300 0.71 20.09 -9.42
CA GLU A 300 -0.04 21.21 -10.03
C GLU A 300 -1.40 20.76 -10.61
N GLY A 301 -2.08 19.87 -9.91
CA GLY A 301 -3.42 19.42 -10.33
C GLY A 301 -3.49 18.43 -11.50
N LYS A 302 -2.35 17.96 -11.97
CA LYS A 302 -2.27 17.23 -13.23
C LYS A 302 -2.63 15.77 -13.07
N VAL A 303 -2.45 15.27 -11.86
CA VAL A 303 -2.50 13.85 -11.66
C VAL A 303 -2.99 13.69 -10.21
N GLU A 304 -3.65 12.56 -9.92
CA GLU A 304 -4.08 12.28 -8.57
C GLU A 304 -2.87 11.83 -7.74
N VAL A 305 -2.89 12.21 -6.45
CA VAL A 305 -1.84 11.84 -5.48
C VAL A 305 -2.47 11.04 -4.38
N PHE A 306 -1.82 9.95 -4.00
CA PHE A 306 -2.28 9.10 -2.90
C PHE A 306 -1.23 9.09 -1.82
N LEU A 307 -1.56 8.51 -0.67
CA LEU A 307 -0.59 8.39 0.41
C LEU A 307 -0.69 7.02 1.08
N ASP A 308 0.45 6.45 1.46
CA ASP A 308 0.46 5.32 2.42
C ASP A 308 1.48 5.58 3.54
N GLY A 309 1.50 4.74 4.57
CA GLY A 309 2.47 4.93 5.66
C GLY A 309 1.90 5.58 6.91
N GLY A 310 1.64 4.77 7.93
CA GLY A 310 1.17 5.24 9.22
C GLY A 310 -0.34 5.41 9.40
N VAL A 311 -1.14 5.07 8.41
CA VAL A 311 -2.60 5.26 8.50
C VAL A 311 -3.18 4.21 9.44
N ARG A 312 -3.75 4.65 10.56
CA ARG A 312 -4.36 3.71 11.57
C ARG A 312 -5.74 4.15 12.02
N LYS A 313 -6.08 5.40 11.76
CA LYS A 313 -7.30 6.02 12.27
C LYS A 313 -8.02 6.81 11.17
N GLY A 314 -9.34 6.97 11.35
CA GLY A 314 -10.15 7.79 10.46
C GLY A 314 -9.65 9.22 10.33
N THR A 315 -9.12 9.79 11.41
CA THR A 315 -8.56 11.15 11.38
C THR A 315 -7.29 11.20 10.52
N ASP A 316 -6.52 10.12 10.47
CA ASP A 316 -5.37 10.06 9.54
C ASP A 316 -5.85 10.20 8.09
N VAL A 317 -6.91 9.45 7.76
CA VAL A 317 -7.49 9.57 6.41
C VAL A 317 -7.95 11.01 6.12
N LEU A 318 -8.63 11.64 7.09
CA LEU A 318 -9.11 13.03 6.91
C LEU A 318 -7.97 14.01 6.63
N LYS A 319 -6.86 13.81 7.34
CA LYS A 319 -5.72 14.71 7.25
C LYS A 319 -5.05 14.59 5.89
N ALA A 320 -4.85 13.35 5.44
CA ALA A 320 -4.27 13.15 4.11
C ALA A 320 -5.15 13.75 3.03
N LEU A 321 -6.47 13.60 3.12
CA LEU A 321 -7.35 14.18 2.10
C LEU A 321 -7.39 15.70 2.19
N ALA A 322 -7.37 16.26 3.41
CA ALA A 322 -7.35 17.76 3.51
C ALA A 322 -6.09 18.36 2.82
N LEU A 323 -5.02 17.60 2.91
CA LEU A 323 -3.73 17.95 2.34
C LEU A 323 -3.64 17.60 0.85
N GLY A 324 -4.72 17.07 0.29
CA GLY A 324 -4.79 16.91 -1.15
C GLY A 324 -4.67 15.54 -1.75
N ALA A 325 -4.49 14.49 -0.92
CA ALA A 325 -4.51 13.11 -1.42
C ALA A 325 -5.95 12.74 -1.82
N LYS A 326 -6.07 11.95 -2.88
CA LYS A 326 -7.37 11.43 -3.36
C LYS A 326 -7.85 10.28 -2.49
N ALA A 327 -6.89 9.48 -2.03
CA ALA A 327 -7.19 8.26 -1.30
C ALA A 327 -5.91 7.87 -0.58
N VAL A 328 -6.06 7.04 0.45
CA VAL A 328 -4.92 6.52 1.14
C VAL A 328 -4.91 4.98 1.04
N PHE A 329 -3.71 4.42 1.13
CA PHE A 329 -3.56 2.95 1.27
C PHE A 329 -3.13 2.50 2.66
N VAL A 330 -3.65 1.33 3.02
CA VAL A 330 -3.51 0.73 4.33
C VAL A 330 -2.62 -0.49 4.13
N GLY A 331 -1.53 -0.55 4.88
CA GLY A 331 -0.60 -1.71 4.77
C GLY A 331 -0.75 -2.69 5.93
N ARG A 332 0.00 -2.46 7.00
CA ARG A 332 0.08 -3.42 8.13
C ARG A 332 -1.27 -3.79 8.77
N PRO A 333 -2.20 -2.81 8.96
CA PRO A 333 -3.49 -3.23 9.60
C PRO A 333 -4.22 -4.37 8.90
N ILE A 334 -4.06 -4.46 7.58
CA ILE A 334 -4.64 -5.53 6.75
C ILE A 334 -4.07 -6.90 7.12
N VAL A 335 -2.75 -6.97 7.21
CA VAL A 335 -2.06 -8.16 7.72
C VAL A 335 -2.51 -8.52 9.13
N TRP A 336 -2.69 -7.52 9.98
CA TRP A 336 -3.11 -7.79 11.35
C TRP A 336 -4.58 -8.30 11.39
N GLY A 337 -5.41 -7.79 10.48
CA GLY A 337 -6.78 -8.30 10.30
C GLY A 337 -6.76 -9.76 9.87
N LEU A 338 -5.93 -10.03 8.86
CA LEU A 338 -5.71 -11.38 8.32
C LEU A 338 -5.31 -12.31 9.45
N ALA A 339 -4.37 -11.88 10.29
CA ALA A 339 -3.83 -12.72 11.37
C ALA A 339 -4.82 -12.98 12.49
N PHE A 340 -5.75 -12.06 12.71
CA PHE A 340 -6.79 -12.26 13.72
C PHE A 340 -7.89 -13.21 13.25
N GLN A 341 -8.47 -12.93 12.08
CA GLN A 341 -9.62 -13.72 11.66
C GLN A 341 -9.82 -13.80 10.15
N GLY A 342 -8.72 -13.83 9.39
CA GLY A 342 -8.78 -14.01 7.94
C GLY A 342 -9.64 -12.99 7.26
N GLU A 343 -10.51 -13.43 6.37
CA GLU A 343 -11.35 -12.50 5.60
C GLU A 343 -12.14 -11.57 6.50
N LYS A 344 -12.81 -12.13 7.52
CA LYS A 344 -13.64 -11.35 8.45
C LYS A 344 -12.81 -10.29 9.17
N GLY A 345 -11.56 -10.66 9.50
CA GLY A 345 -10.64 -9.76 10.21
C GLY A 345 -10.23 -8.60 9.33
N VAL A 346 -9.89 -8.88 8.07
CA VAL A 346 -9.62 -7.79 7.11
C VAL A 346 -10.90 -6.94 6.92
N GLN A 347 -12.05 -7.59 6.80
CA GLN A 347 -13.29 -6.84 6.61
C GLN A 347 -13.53 -5.92 7.81
N ASP A 348 -13.33 -6.46 9.01
CA ASP A 348 -13.56 -5.69 10.25
C ASP A 348 -12.61 -4.51 10.41
N VAL A 349 -11.33 -4.72 10.13
CA VAL A 349 -10.35 -3.60 10.07
C VAL A 349 -10.80 -2.50 9.11
N LEU A 350 -11.30 -2.91 7.95
CA LEU A 350 -11.70 -1.91 6.94
C LEU A 350 -12.97 -1.15 7.36
N GLU A 351 -13.89 -1.86 8.04
CA GLU A 351 -15.12 -1.28 8.55
C GLU A 351 -14.86 -0.34 9.75
N ILE A 352 -13.89 -0.70 10.58
CA ILE A 352 -13.46 0.20 11.67
C ILE A 352 -12.94 1.52 11.12
N LEU A 353 -12.04 1.44 10.13
CA LEU A 353 -11.47 2.62 9.48
C LEU A 353 -12.55 3.46 8.78
N LYS A 354 -13.48 2.77 8.09
CA LYS A 354 -14.58 3.44 7.42
C LYS A 354 -15.42 4.27 8.41
N GLU A 355 -15.82 3.67 9.53
CA GLU A 355 -16.74 4.37 10.45
CA GLU A 355 -16.71 4.34 10.46
C GLU A 355 -15.98 5.43 11.22
N GLU A 356 -14.69 5.21 11.50
CA GLU A 356 -13.84 6.29 12.10
C GLU A 356 -13.72 7.48 11.14
N PHE A 357 -13.51 7.18 9.86
CA PHE A 357 -13.43 8.25 8.85
C PHE A 357 -14.76 9.00 8.68
N ARG A 358 -15.89 8.26 8.66
CA ARG A 358 -17.21 8.88 8.62
CA ARG A 358 -17.21 8.86 8.63
C ARG A 358 -17.41 9.83 9.81
N LEU A 359 -17.12 9.35 11.03
CA LEU A 359 -17.28 10.18 12.23
C LEU A 359 -16.41 11.41 12.16
N ALA A 360 -15.16 11.23 11.74
CA ALA A 360 -14.22 12.35 11.65
C ALA A 360 -14.66 13.41 10.62
N MET A 361 -15.08 12.95 9.43
CA MET A 361 -15.71 13.81 8.40
C MET A 361 -16.88 14.63 8.96
N ALA A 362 -17.85 13.94 9.58
CA ALA A 362 -19.04 14.59 10.12
C ALA A 362 -18.71 15.63 11.21
N LEU A 363 -17.85 15.26 12.15
CA LEU A 363 -17.43 16.18 13.24
C LEU A 363 -16.68 17.40 12.71
N SER A 364 -16.08 17.28 11.53
CA SER A 364 -15.35 18.41 10.93
C SER A 364 -16.16 19.28 9.96
N GLY A 365 -17.45 18.98 9.87
CA GLY A 365 -18.40 19.67 9.00
C GLY A 365 -18.49 19.22 7.56
N CYS A 366 -18.01 18.00 7.26
CA CYS A 366 -17.88 17.51 5.86
C CYS A 366 -18.89 16.43 5.51
N GLN A 367 -19.90 16.82 4.73
CA GLN A 367 -20.99 15.91 4.30
C GLN A 367 -20.51 14.83 3.32
N ASN A 368 -19.47 15.14 2.56
CA ASN A 368 -18.98 14.29 1.47
C ASN A 368 -17.49 14.58 1.24
N VAL A 369 -16.79 13.75 0.47
CA VAL A 369 -15.34 14.00 0.33
C VAL A 369 -14.96 15.28 -0.43
N LYS A 370 -15.88 15.80 -1.25
CA LYS A 370 -15.56 16.97 -2.09
C LYS A 370 -15.47 18.28 -1.28
N VAL A 371 -16.07 18.32 -0.10
CA VAL A 371 -15.99 19.53 0.72
C VAL A 371 -14.88 19.47 1.76
N ILE A 372 -14.16 18.35 1.79
CA ILE A 372 -12.91 18.31 2.54
C ILE A 372 -11.95 19.32 1.89
N ASP A 373 -11.36 20.20 2.70
CA ASP A 373 -10.46 21.22 2.16
C ASP A 373 -9.26 21.43 3.06
N LYS A 374 -8.23 22.09 2.56
CA LYS A 374 -7.03 22.18 3.41
C LYS A 374 -7.11 23.15 4.59
N THR A 375 -8.17 23.97 4.70
CA THR A 375 -8.29 24.84 5.89
C THR A 375 -8.55 23.96 7.14
N LEU A 376 -8.89 22.70 6.89
CA LEU A 376 -9.13 21.74 7.97
C LEU A 376 -7.85 21.39 8.73
N VAL A 377 -6.69 21.64 8.14
CA VAL A 377 -5.44 21.25 8.83
C VAL A 377 -4.41 22.35 8.89
N ARG A 378 -3.63 22.34 9.98
CA ARG A 378 -2.44 23.18 10.13
C ARG A 378 -1.41 22.40 10.94
N LYS A 379 -0.15 22.52 10.58
CA LYS A 379 0.93 21.80 11.30
C LYS A 379 1.45 22.58 12.50
#